data_9BKH
#
_entry.id   9BKH
#
_cell.length_a   75.332
_cell.length_b   75.332
_cell.length_c   139.794
_cell.angle_alpha   90.00
_cell.angle_beta   90.00
_cell.angle_gamma   120.00
#
_symmetry.space_group_name_H-M   'H 3 2'
#
loop_
_entity.id
_entity.type
_entity.pdbx_description
1 polymer 'RidA family protein PA5083'
2 non-polymer 'ACETYL GROUP'
3 water water
#
_entity_poly.entity_id   1
_entity_poly.type   'polypeptide(L)'
_entity_poly.pdbx_seq_one_letter_code
;MEPTRIATNDRLSAAVCFDALVFLSGQVPGQAEDIHGQTREVLAKIDALLAEAGSRKERILSATIYLKDIARDFAALNEV
WTQWLPTGQAPSRTTVQAELARPSVLVEITVVAARG
;
_entity_poly.pdbx_strand_id   A
#
# COMPACT_ATOMS: atom_id res chain seq x y z
N MET A 1 -14.43 -14.49 17.80
CA MET A 1 -14.04 -14.24 16.41
C MET A 1 -12.53 -14.14 16.30
N GLU A 2 -11.97 -14.74 15.24
CA GLU A 2 -10.53 -14.86 15.10
C GLU A 2 -10.01 -14.12 13.88
N PRO A 3 -8.80 -13.57 13.95
CA PRO A 3 -8.15 -13.06 12.74
C PRO A 3 -7.94 -14.18 11.72
N THR A 4 -8.04 -13.81 10.44
CA THR A 4 -7.68 -14.71 9.36
C THR A 4 -6.58 -14.05 8.53
N ARG A 5 -5.82 -14.88 7.84
CA ARG A 5 -4.60 -14.41 7.20
C ARG A 5 -4.54 -14.83 5.74
N ILE A 6 -3.92 -13.96 4.94
CA ILE A 6 -3.69 -14.19 3.51
C ILE A 6 -2.19 -14.09 3.24
N ALA A 7 -1.63 -15.13 2.61
CA ALA A 7 -0.25 -15.16 2.15
C ALA A 7 0.75 -15.00 3.30
N THR A 8 0.81 -16.05 4.10
CA THR A 8 1.63 -16.10 5.30
C THR A 8 2.96 -16.76 5.02
N ASN A 9 4.05 -16.12 5.48
CA ASN A 9 5.36 -16.74 5.50
C ASN A 9 5.91 -16.62 6.93
N ASP A 10 7.21 -16.91 7.11
CA ASP A 10 7.77 -16.92 8.45
C ASP A 10 7.87 -15.54 9.07
N ARG A 11 7.74 -14.46 8.29
CA ARG A 11 7.87 -13.13 8.84
C ARG A 11 6.57 -12.36 8.93
N LEU A 12 5.64 -12.61 8.00
CA LEU A 12 4.47 -11.76 7.88
C LEU A 12 3.37 -12.48 7.12
N SER A 13 2.17 -11.94 7.22
CA SER A 13 1.07 -12.23 6.31
C SER A 13 0.79 -10.98 5.48
N ALA A 14 0.60 -11.18 4.18
CA ALA A 14 0.34 -10.05 3.30
C ALA A 14 -0.89 -9.27 3.77
N ALA A 15 -1.92 -9.97 4.27
CA ALA A 15 -3.09 -9.34 4.83
C ALA A 15 -3.56 -10.14 6.03
N VAL A 16 -4.03 -9.43 7.05
CA VAL A 16 -4.73 -10.02 8.18
C VAL A 16 -6.10 -9.36 8.27
N CYS A 17 -7.14 -10.17 8.30
CA CYS A 17 -8.51 -9.70 8.42
C CYS A 17 -9.03 -9.94 9.82
N PHE A 18 -9.73 -8.97 10.38
CA PHE A 18 -10.35 -9.14 11.69
C PHE A 18 -11.65 -8.36 11.69
N ASP A 19 -12.76 -9.11 11.83
CA ASP A 19 -14.09 -8.55 11.67
C ASP A 19 -14.18 -7.77 10.35
N ALA A 20 -14.49 -6.48 10.42
CA ALA A 20 -14.68 -5.67 9.23
C ALA A 20 -13.42 -4.91 8.83
N LEU A 21 -12.27 -5.26 9.40
CA LEU A 21 -11.04 -4.55 9.09
C LEU A 21 -10.05 -5.46 8.37
N VAL A 22 -9.25 -4.84 7.51
CA VAL A 22 -8.22 -5.51 6.72
C VAL A 22 -6.93 -4.74 6.95
N PHE A 23 -5.91 -5.42 7.46
CA PHE A 23 -4.58 -4.86 7.69
C PHE A 23 -3.61 -5.46 6.69
N LEU A 24 -3.05 -4.62 5.82
CA LEU A 24 -2.08 -5.09 4.84
C LEU A 24 -0.66 -4.83 5.30
N SER A 25 0.23 -5.78 5.01
CA SER A 25 1.65 -5.52 5.15
C SER A 25 2.07 -4.39 4.21
N GLY A 26 3.10 -3.66 4.61
CA GLY A 26 3.69 -2.71 3.68
C GLY A 26 4.05 -3.39 2.37
N GLN A 27 3.61 -2.82 1.27
CA GLN A 27 3.85 -3.38 -0.05
C GLN A 27 4.99 -2.64 -0.72
N VAL A 28 5.87 -3.41 -1.35
CA VAL A 28 7.06 -2.89 -2.02
C VAL A 28 6.91 -3.09 -3.52
N PRO A 29 7.76 -2.47 -4.33
CA PRO A 29 7.55 -2.51 -5.78
C PRO A 29 7.82 -3.89 -6.35
N GLY A 30 7.54 -4.01 -7.65
CA GLY A 30 7.95 -5.19 -8.39
C GLY A 30 9.35 -5.04 -8.95
N GLN A 31 9.45 -4.90 -10.27
CA GLN A 31 10.78 -4.84 -10.89
C GLN A 31 11.19 -3.43 -11.26
N ALA A 32 10.29 -2.47 -11.16
CA ALA A 32 10.58 -1.11 -11.57
C ALA A 32 11.75 -0.57 -10.77
N GLU A 33 12.54 0.26 -11.42
CA GLU A 33 13.68 0.91 -10.77
C GLU A 33 13.43 2.37 -10.49
N ASP A 34 12.48 2.98 -11.19
CA ASP A 34 12.13 4.39 -11.12
C ASP A 34 10.97 4.58 -10.18
N ILE A 35 10.80 5.81 -9.71
CA ILE A 35 9.74 6.09 -8.74
C ILE A 35 8.35 5.90 -9.34
N HIS A 36 8.09 6.35 -10.57
CA HIS A 36 6.74 6.23 -11.12
C HIS A 36 6.36 4.76 -11.24
N GLY A 37 7.24 3.97 -11.86
CA GLY A 37 6.98 2.55 -12.03
C GLY A 37 6.82 1.85 -10.70
N GLN A 38 7.68 2.17 -9.74
CA GLN A 38 7.62 1.52 -8.44
C GLN A 38 6.31 1.82 -7.73
N THR A 39 5.84 3.07 -7.83
CA THR A 39 4.60 3.44 -7.16
C THR A 39 3.43 2.70 -7.80
N ARG A 40 3.42 2.63 -9.14
CA ARG A 40 2.41 1.83 -9.82
C ARG A 40 2.40 0.40 -9.32
N GLU A 41 3.58 -0.21 -9.19
CA GLU A 41 3.67 -1.61 -8.79
C GLU A 41 3.19 -1.82 -7.36
N VAL A 42 3.59 -0.95 -6.44
CA VAL A 42 3.12 -1.04 -5.06
C VAL A 42 1.60 -0.97 -5.03
N LEU A 43 1.03 0.01 -5.75
CA LEU A 43 -0.41 0.21 -5.71
C LEU A 43 -1.15 -0.96 -6.37
N ALA A 44 -0.58 -1.53 -7.44
CA ALA A 44 -1.19 -2.72 -8.03
C ALA A 44 -1.22 -3.87 -7.03
N LYS A 45 -0.13 -4.04 -6.27
CA LYS A 45 -0.08 -5.11 -5.28
C LYS A 45 -1.12 -4.88 -4.18
N ILE A 46 -1.28 -3.63 -3.75
CA ILE A 46 -2.30 -3.32 -2.75
C ILE A 46 -3.69 -3.65 -3.30
N ASP A 47 -3.96 -3.25 -4.54
CA ASP A 47 -5.27 -3.49 -5.12
C ASP A 47 -5.62 -4.98 -5.12
N ALA A 48 -4.66 -5.83 -5.44
CA ALA A 48 -4.93 -7.26 -5.45
C ALA A 48 -5.21 -7.79 -4.05
N LEU A 49 -4.43 -7.32 -3.07
CA LEU A 49 -4.65 -7.79 -1.70
C LEU A 49 -5.99 -7.33 -1.17
N LEU A 50 -6.39 -6.09 -1.46
CA LEU A 50 -7.72 -5.65 -1.09
C LEU A 50 -8.78 -6.58 -1.66
N ALA A 51 -8.64 -6.93 -2.95
CA ALA A 51 -9.60 -7.85 -3.57
C ALA A 51 -9.63 -9.18 -2.83
N GLU A 52 -8.47 -9.76 -2.57
CA GLU A 52 -8.40 -11.07 -1.92
C GLU A 52 -9.01 -11.04 -0.53
N ALA A 53 -8.93 -9.91 0.15
CA ALA A 53 -9.38 -9.78 1.52
C ALA A 53 -10.82 -9.32 1.65
N GLY A 54 -11.54 -9.17 0.54
CA GLY A 54 -12.92 -8.75 0.62
C GLY A 54 -13.13 -7.26 0.72
N SER A 55 -12.15 -6.47 0.28
CA SER A 55 -12.27 -5.02 0.28
C SER A 55 -12.10 -4.47 -1.12
N ARG A 56 -11.84 -3.18 -1.25
CA ARG A 56 -11.65 -2.54 -2.54
C ARG A 56 -11.05 -1.15 -2.30
N LYS A 57 -10.58 -0.53 -3.38
CA LYS A 57 -9.91 0.77 -3.23
C LYS A 57 -10.81 1.81 -2.59
N GLU A 58 -12.12 1.77 -2.87
CA GLU A 58 -13.06 2.72 -2.30
C GLU A 58 -13.26 2.56 -0.80
N ARG A 59 -12.73 1.49 -0.20
CA ARG A 59 -12.90 1.23 1.22
C ARG A 59 -11.59 1.34 1.99
N ILE A 60 -10.57 1.95 1.40
CA ILE A 60 -9.34 2.19 2.15
C ILE A 60 -9.64 3.20 3.26
N LEU A 61 -9.13 2.93 4.46
CA LEU A 61 -9.31 3.80 5.61
C LEU A 61 -8.09 4.67 5.86
N SER A 62 -6.91 4.09 5.74
CA SER A 62 -5.66 4.81 5.98
C SER A 62 -4.56 4.22 5.13
N ALA A 63 -3.63 5.08 4.74
CA ALA A 63 -2.41 4.69 4.07
C ALA A 63 -1.25 5.48 4.68
N THR A 64 -0.21 4.79 5.09
CA THR A 64 1.07 5.43 5.39
C THR A 64 2.02 5.13 4.24
N ILE A 65 2.54 6.18 3.63
CA ILE A 65 3.42 6.10 2.46
C ILE A 65 4.82 6.49 2.90
N TYR A 66 5.77 5.58 2.69
CA TYR A 66 7.17 5.75 3.03
C TYR A 66 7.97 5.98 1.75
N LEU A 67 8.70 7.07 1.69
CA LEU A 67 9.58 7.37 0.56
C LEU A 67 11.02 7.38 1.01
N LYS A 68 11.89 6.71 0.26
CA LYS A 68 13.32 6.80 0.57
C LYS A 68 13.81 8.25 0.55
N ASP A 69 13.36 9.02 -0.42
CA ASP A 69 13.75 10.41 -0.61
C ASP A 69 12.50 11.25 -0.85
N ILE A 70 11.96 11.81 0.22
CA ILE A 70 10.67 12.47 0.10
C ILE A 70 10.81 13.75 -0.70
N ALA A 71 11.92 14.48 -0.56
CA ALA A 71 12.06 15.71 -1.34
C ALA A 71 12.06 15.41 -2.83
N ARG A 72 12.72 14.32 -3.23
CA ARG A 72 12.94 14.01 -4.63
C ARG A 72 11.72 13.39 -5.29
N ASP A 73 10.97 12.60 -4.54
CA ASP A 73 9.98 11.71 -5.14
C ASP A 73 8.54 11.98 -4.75
N PHE A 74 8.30 12.98 -3.87
CA PHE A 74 6.93 13.28 -3.44
C PHE A 74 6.03 13.61 -4.63
N ALA A 75 6.53 14.39 -5.60
CA ALA A 75 5.65 14.83 -6.68
C ALA A 75 5.27 13.66 -7.58
N ALA A 76 6.22 12.79 -7.88
CA ALA A 76 5.95 11.60 -8.68
C ALA A 76 5.00 10.67 -7.94
N LEU A 77 5.26 10.45 -6.65
CA LEU A 77 4.34 9.67 -5.83
C LEU A 77 2.90 10.19 -5.95
N ASN A 78 2.73 11.51 -5.78
CA ASN A 78 1.39 12.09 -5.79
C ASN A 78 0.74 11.93 -7.16
N GLU A 79 1.51 12.08 -8.22
CA GLU A 79 0.98 11.92 -9.57
C GLU A 79 0.36 10.54 -9.75
N VAL A 80 1.11 9.48 -9.40
CA VAL A 80 0.63 8.12 -9.62
C VAL A 80 -0.50 7.80 -8.65
N TRP A 81 -0.32 8.20 -7.39
CA TRP A 81 -1.32 7.96 -6.35
C TRP A 81 -2.66 8.57 -6.72
N THR A 82 -2.68 9.84 -7.13
CA THR A 82 -3.95 10.48 -7.40
C THR A 82 -4.67 9.85 -8.60
N GLN A 83 -4.13 9.39 -9.58
CA GLN A 83 -4.62 8.66 -10.73
C GLN A 83 -5.29 7.34 -10.33
N TRP A 84 -4.46 6.64 -9.39
CA TRP A 84 -4.89 5.31 -8.98
C TRP A 84 -6.13 5.36 -8.11
N LEU A 85 -6.32 6.45 -7.36
CA LEU A 85 -7.41 6.49 -6.41
C LEU A 85 -8.76 6.59 -7.09
N PRO A 86 -9.78 5.99 -6.51
CA PRO A 86 -11.15 6.25 -6.99
C PRO A 86 -11.55 7.70 -6.77
N THR A 87 -12.18 8.29 -7.80
CA THR A 87 -12.45 9.72 -7.78
C THR A 87 -13.27 10.11 -6.56
N GLY A 88 -12.85 11.19 -5.90
CA GLY A 88 -13.53 11.72 -4.74
C GLY A 88 -13.52 10.85 -3.52
N GLN A 89 -12.76 9.76 -3.51
CA GLN A 89 -12.83 8.79 -2.43
C GLN A 89 -11.44 8.50 -1.85
N ALA A 90 -10.62 9.52 -1.67
CA ALA A 90 -9.29 9.31 -1.13
C ALA A 90 -9.35 8.96 0.35
N PRO A 91 -8.38 8.15 0.83
CA PRO A 91 -8.37 7.76 2.24
C PRO A 91 -7.63 8.76 3.12
N SER A 92 -7.58 8.53 4.43
CA SER A 92 -6.60 9.25 5.23
C SER A 92 -5.20 8.80 4.82
N ARG A 93 -4.24 9.71 4.90
CA ARG A 93 -2.90 9.34 4.50
C ARG A 93 -1.86 10.18 5.21
N THR A 94 -0.70 9.56 5.36
CA THR A 94 0.49 10.14 5.96
C THR A 94 1.66 9.76 5.07
N THR A 95 2.49 10.72 4.67
CA THR A 95 3.61 10.48 3.79
C THR A 95 4.88 10.97 4.47
N VAL A 96 5.84 10.08 4.69
CA VAL A 96 7.07 10.42 5.41
C VAL A 96 8.26 9.77 4.73
N GLN A 97 9.45 10.24 5.08
CA GLN A 97 10.68 9.67 4.57
C GLN A 97 11.17 8.54 5.49
N ALA A 98 11.52 7.42 4.90
CA ALA A 98 12.19 6.34 5.61
C ALA A 98 12.92 5.48 4.61
N GLU A 99 14.15 5.09 4.95
CA GLU A 99 14.84 4.07 4.17
C GLU A 99 14.11 2.74 4.31
N LEU A 100 13.98 2.02 3.20
CA LEU A 100 13.32 0.72 3.20
C LEU A 100 14.37 -0.40 3.22
N ALA A 101 13.89 -1.65 3.22
CA ALA A 101 14.78 -2.76 3.55
C ALA A 101 15.87 -2.97 2.51
N ARG A 102 15.63 -2.58 1.27
CA ARG A 102 16.60 -2.64 0.20
C ARG A 102 16.86 -1.22 -0.31
N PRO A 103 18.10 -0.86 -0.61
CA PRO A 103 18.36 0.53 -1.04
C PRO A 103 17.72 0.89 -2.38
N SER A 104 17.42 -0.11 -3.23
CA SER A 104 16.78 0.15 -4.51
C SER A 104 15.30 0.40 -4.39
N VAL A 105 14.72 0.16 -3.20
CA VAL A 105 13.29 0.41 -3.00
C VAL A 105 13.10 1.88 -2.64
N LEU A 106 12.31 2.57 -3.45
CA LEU A 106 12.09 3.99 -3.28
C LEU A 106 10.80 4.32 -2.55
N VAL A 107 9.85 3.37 -2.50
CA VAL A 107 8.52 3.63 -2.00
C VAL A 107 7.93 2.33 -1.46
N GLU A 108 7.19 2.46 -0.35
CA GLU A 108 6.48 1.36 0.29
C GLU A 108 5.24 1.93 0.94
N ILE A 109 4.10 1.23 0.84
CA ILE A 109 2.84 1.78 1.32
C ILE A 109 2.11 0.74 2.15
N THR A 110 1.65 1.17 3.33
CA THR A 110 0.92 0.30 4.25
C THR A 110 -0.52 0.77 4.38
N VAL A 111 -1.46 -0.14 4.10
CA VAL A 111 -2.87 0.20 4.04
C VAL A 111 -3.68 -0.58 5.06
N VAL A 112 -4.66 0.11 5.65
CA VAL A 112 -5.73 -0.48 6.44
C VAL A 112 -7.03 -0.12 5.75
N ALA A 113 -7.94 -1.10 5.61
CA ALA A 113 -9.15 -0.91 4.83
C ALA A 113 -10.33 -1.59 5.51
N ALA A 114 -11.52 -1.29 5.03
CA ALA A 114 -12.76 -1.87 5.53
C ALA A 114 -13.23 -2.98 4.62
N ARG A 115 -13.61 -4.11 5.21
CA ARG A 115 -14.24 -5.17 4.45
C ARG A 115 -15.57 -4.67 3.89
N GLY A 116 -15.98 -5.27 2.77
CA GLY A 116 -17.25 -4.92 2.15
C GLY A 116 -18.28 -5.97 2.46
#